data_4ZZU
#
_entry.id   4ZZU
#
_cell.length_a   42.710
_cell.length_b   90.520
_cell.length_c   55.090
_cell.angle_alpha   90.00
_cell.angle_beta   109.62
_cell.angle_gamma   90.00
#
_symmetry.space_group_name_H-M   'P 1 21 1'
#
loop_
_entity.id
_entity.type
_entity.pdbx_description
1 polymer 'CELLOBIOHYDROLASE I'
2 branched 2-acetamido-2-deoxy-beta-D-glucopyranose-(1-4)-2-acetamido-2-deoxy-beta-D-glucopyranose
3 branched beta-D-glucopyranose-(1-4)-4-thio-beta-D-glucopyranose
4 branched beta-D-glucopyranose-(1-4)-4-thio-beta-D-glucopyranose-(1-4)-4-thio-beta-D-glucopyranose-(1-4)-4-thio-beta-D-glucopyranose
5 non-polymer 2-acetamido-2-deoxy-beta-D-glucopyranose
6 non-polymer GLYCEROL
7 water water
#
_entity_poly.entity_id   1
_entity_poly.type   'polypeptide(L)'
_entity_poly.pdbx_seq_one_letter_code
;(PCA)QIGTLTTETHPPLTWQTCTSGGSCTTNNGKVVLDANWRWLHSTSGSTNCYTGNTWNTTLCPDDTTCAQNCALDGA
DYEGTYGITASGNSLRLNFVTNGSQKNVGSRTYLMKDDTHYQTFNLLNQEFTFDVDVSGLPCGLNGALYMVPMAADGGVS
NEPNNKAGAQYGVGYCDSQCPRDLKFIAGSANVQGWEPASNSANSGLGGNGSCCAELDIWEANSISAALTPHSADTVTQT
VCNGDDCGGTYSNDRYSGTTDPDGCDFNSYRQGDTSFYGPGKTVDTNSKFTVVTQFLTDSSGNLNEIKRFYVQNGVVIPN
SQSTIAGISGNSITQDYCTAQKQVFGDTNTWEDHGGFQSMTNAFKAGMVLVMSLWDDYYADMLWLDSVAYPTDADPSTPG
VARGTCSTTSGVPSDIESSAASAYVIYSNIKVGPINSTFSGT
;
_entity_poly.pdbx_strand_id   A
#
# COMPACT_ATOMS: atom_id res chain seq x y z
N GLN A 2 6.06 -18.06 14.30
CA GLN A 2 6.89 -19.17 13.91
C GLN A 2 6.72 -19.54 12.43
N ILE A 3 7.62 -20.37 11.94
CA ILE A 3 7.53 -20.92 10.59
C ILE A 3 6.69 -22.19 10.62
N GLY A 4 5.55 -22.16 9.93
CA GLY A 4 4.70 -23.33 9.80
C GLY A 4 5.33 -24.31 8.83
N THR A 5 5.10 -25.60 9.06
CA THR A 5 5.74 -26.64 8.24
C THR A 5 4.73 -27.53 7.51
N LEU A 6 3.46 -27.14 7.50
CA LEU A 6 2.40 -27.98 6.92
C LEU A 6 2.15 -27.71 5.44
N THR A 7 2.54 -26.53 4.96
CA THR A 7 2.35 -26.13 3.56
C THR A 7 3.60 -25.39 3.09
N THR A 8 4.22 -25.88 2.02
N THR A 8 4.24 -25.88 2.04
CA THR A 8 5.39 -25.22 1.43
CA THR A 8 5.44 -25.21 1.53
C THR A 8 5.08 -23.77 1.09
C THR A 8 5.11 -23.79 1.09
N GLU A 9 6.03 -22.87 1.37
CA GLU A 9 5.91 -21.48 0.96
C GLU A 9 6.82 -21.27 -0.25
N THR A 10 6.19 -21.05 -1.40
CA THR A 10 6.89 -20.76 -2.64
C THR A 10 6.46 -19.39 -3.12
N HIS A 11 7.41 -18.47 -3.19
CA HIS A 11 7.13 -17.10 -3.58
C HIS A 11 7.05 -17.02 -5.10
N PRO A 12 5.88 -16.64 -5.66
CA PRO A 12 5.80 -16.59 -7.12
C PRO A 12 6.85 -15.66 -7.73
N PRO A 13 7.60 -16.16 -8.74
CA PRO A 13 8.57 -15.30 -9.40
C PRO A 13 7.95 -14.12 -10.15
N LEU A 14 8.61 -12.97 -10.08
CA LEU A 14 8.17 -11.77 -10.76
C LEU A 14 9.41 -11.00 -11.20
N THR A 15 9.56 -10.79 -12.50
CA THR A 15 10.70 -10.04 -12.99
C THR A 15 10.42 -8.54 -12.96
N TRP A 16 11.48 -7.76 -12.82
CA TRP A 16 11.41 -6.31 -12.90
C TRP A 16 12.78 -5.82 -13.38
N GLN A 17 12.86 -4.59 -13.85
CA GLN A 17 14.07 -4.11 -14.48
C GLN A 17 14.79 -2.98 -13.77
N THR A 18 16.11 -2.99 -13.90
CA THR A 18 16.97 -1.88 -13.50
C THR A 18 17.55 -1.29 -14.78
N CYS A 19 17.42 0.03 -14.92
CA CYS A 19 17.92 0.74 -16.09
C CYS A 19 19.02 1.71 -15.68
N THR A 20 19.94 1.96 -16.61
CA THR A 20 20.99 2.95 -16.40
C THR A 20 20.85 4.09 -17.39
N SER A 21 21.61 5.15 -17.19
CA SER A 21 21.65 6.28 -18.13
C SER A 21 22.04 5.77 -19.51
N GLY A 22 21.09 5.78 -20.44
CA GLY A 22 21.31 5.17 -21.76
C GLY A 22 20.15 5.25 -22.75
N GLY A 23 19.04 4.55 -22.51
CA GLY A 23 18.79 3.82 -21.26
C GLY A 23 18.66 2.32 -21.43
N SER A 24 19.79 1.62 -21.35
CA SER A 24 19.81 0.17 -21.31
C SER A 24 19.22 -0.33 -20.00
N CYS A 25 18.52 -1.47 -20.07
CA CYS A 25 17.89 -2.06 -18.89
C CYS A 25 18.19 -3.56 -18.83
N THR A 26 18.36 -4.05 -17.61
N THR A 26 18.34 -4.07 -17.63
CA THR A 26 18.57 -5.48 -17.33
CA THR A 26 18.50 -5.52 -17.45
C THR A 26 17.46 -5.99 -16.44
C THR A 26 17.47 -6.00 -16.43
N THR A 27 17.28 -7.31 -16.40
CA THR A 27 16.18 -7.92 -15.66
C THR A 27 16.60 -8.57 -14.35
N ASN A 28 15.86 -8.25 -13.30
CA ASN A 28 16.04 -8.83 -11.98
C ASN A 28 15.00 -9.92 -11.76
N ASN A 29 15.44 -11.02 -11.14
CA ASN A 29 14.55 -12.13 -10.80
C ASN A 29 14.00 -11.94 -9.39
N GLY A 30 12.91 -11.17 -9.29
CA GLY A 30 12.25 -10.94 -8.02
C GLY A 30 11.25 -12.03 -7.71
N LYS A 31 10.68 -11.97 -6.51
N LYS A 31 10.65 -11.96 -6.52
CA LYS A 31 9.68 -12.92 -6.05
CA LYS A 31 9.55 -12.84 -6.14
C LYS A 31 8.68 -12.11 -5.25
C LYS A 31 8.53 -12.04 -5.37
N VAL A 32 7.43 -12.55 -5.20
N VAL A 32 7.34 -12.59 -5.22
CA VAL A 32 6.45 -11.85 -4.37
CA VAL A 32 6.28 -11.93 -4.46
C VAL A 32 6.01 -12.73 -3.20
C VAL A 32 5.94 -12.75 -3.21
N VAL A 33 5.67 -12.07 -2.10
CA VAL A 33 5.25 -12.76 -0.88
C VAL A 33 3.98 -12.15 -0.31
N LEU A 34 3.08 -13.02 0.16
CA LEU A 34 1.83 -12.62 0.75
C LEU A 34 2.03 -12.13 2.18
N ASP A 35 1.38 -11.01 2.52
CA ASP A 35 1.40 -10.48 3.87
C ASP A 35 0.90 -11.50 4.90
N ALA A 36 1.56 -11.49 6.06
CA ALA A 36 1.31 -12.47 7.12
C ALA A 36 -0.14 -12.54 7.60
N ASN A 37 -0.85 -11.41 7.62
CA ASN A 37 -2.25 -11.40 8.10
C ASN A 37 -3.18 -12.32 7.32
N TRP A 38 -2.92 -12.52 6.03
CA TRP A 38 -3.78 -13.35 5.19
C TRP A 38 -3.58 -14.86 5.39
N ARG A 39 -2.50 -15.24 6.07
CA ARG A 39 -2.11 -16.64 6.18
C ARG A 39 -2.86 -17.42 7.24
N TRP A 40 -2.82 -18.73 7.09
CA TRP A 40 -3.22 -19.65 8.14
C TRP A 40 -2.23 -19.54 9.30
N LEU A 41 -2.75 -19.32 10.50
CA LEU A 41 -1.94 -19.20 11.71
C LEU A 41 -2.38 -20.29 12.66
N HIS A 42 -1.48 -21.23 12.95
CA HIS A 42 -1.85 -22.41 13.74
C HIS A 42 -0.77 -22.77 14.74
N SER A 43 -1.13 -23.64 15.68
CA SER A 43 -0.22 -24.11 16.69
C SER A 43 1.01 -24.75 16.08
N THR A 44 2.15 -24.59 16.73
CA THR A 44 3.36 -25.30 16.34
C THR A 44 3.29 -26.81 16.58
N SER A 45 2.35 -27.27 17.42
N SER A 45 2.31 -27.24 17.40
CA SER A 45 2.22 -28.71 17.72
CA SER A 45 2.14 -28.65 17.78
C SER A 45 1.12 -29.42 16.95
C SER A 45 1.23 -29.44 16.85
N GLY A 46 0.51 -28.76 15.96
CA GLY A 46 -0.46 -29.43 15.10
C GLY A 46 -1.15 -28.49 14.16
N SER A 47 -2.44 -28.71 13.92
N SER A 47 -2.44 -28.72 13.93
CA SER A 47 -3.21 -27.92 12.97
CA SER A 47 -3.21 -27.93 12.97
C SER A 47 -4.24 -26.99 13.61
C SER A 47 -4.25 -27.00 13.62
N THR A 48 -4.29 -26.94 14.94
CA THR A 48 -5.25 -26.08 15.64
C THR A 48 -4.98 -24.60 15.33
N ASN A 49 -6.02 -23.88 14.92
N ASN A 49 -6.01 -23.87 14.91
CA ASN A 49 -5.90 -22.45 14.62
CA ASN A 49 -5.87 -22.45 14.59
C ASN A 49 -5.55 -21.63 15.86
C ASN A 49 -5.59 -21.60 15.82
N CYS A 50 -4.66 -20.66 15.70
CA CYS A 50 -4.43 -19.65 16.74
C CYS A 50 -5.42 -18.51 16.57
N TYR A 51 -5.93 -18.37 15.35
CA TYR A 51 -6.83 -17.29 14.98
C TYR A 51 -7.73 -17.82 13.88
N THR A 52 -9.02 -17.51 13.97
CA THR A 52 -9.99 -17.88 12.94
C THR A 52 -10.96 -16.73 12.73
N GLY A 53 -11.06 -16.27 11.49
CA GLY A 53 -12.00 -15.21 11.13
C GLY A 53 -11.65 -13.87 11.75
N ASN A 54 -12.21 -13.61 12.92
CA ASN A 54 -11.97 -12.36 13.65
C ASN A 54 -11.61 -12.60 15.11
N THR A 55 -11.28 -13.85 15.45
CA THR A 55 -11.19 -14.28 16.84
C THR A 55 -9.93 -15.09 17.11
N TRP A 56 -9.26 -14.77 18.22
CA TRP A 56 -8.09 -15.52 18.67
C TRP A 56 -8.48 -16.69 19.57
N ASN A 57 -7.69 -17.77 19.49
CA ASN A 57 -7.75 -18.83 20.47
C ASN A 57 -6.92 -18.40 21.69
N THR A 58 -7.60 -18.20 22.81
CA THR A 58 -6.96 -17.63 24.02
C THR A 58 -6.17 -18.66 24.82
N THR A 59 -6.34 -19.95 24.53
CA THR A 59 -5.50 -20.98 25.13
C THR A 59 -4.11 -20.97 24.49
N LEU A 60 -4.07 -20.89 23.16
CA LEU A 60 -2.80 -20.77 22.44
C LEU A 60 -2.20 -19.37 22.60
N CYS A 61 -3.07 -18.37 22.72
CA CYS A 61 -2.65 -16.97 22.78
C CYS A 61 -3.23 -16.27 24.01
N PRO A 62 -2.73 -16.61 25.21
CA PRO A 62 -3.19 -15.96 26.44
C PRO A 62 -2.60 -14.57 26.65
N ASP A 63 -1.50 -14.30 25.94
CA ASP A 63 -0.84 -12.99 25.95
C ASP A 63 -0.03 -12.88 24.67
N ASP A 64 0.50 -11.69 24.42
CA ASP A 64 1.17 -11.40 23.14
C ASP A 64 2.47 -12.19 22.93
N THR A 65 3.18 -12.45 24.02
CA THR A 65 4.47 -13.14 23.94
C THR A 65 4.27 -14.64 23.72
N THR A 66 3.46 -15.24 24.59
CA THR A 66 3.16 -16.66 24.50
C THR A 66 2.52 -17.03 23.15
N CYS A 67 1.65 -16.15 22.65
CA CYS A 67 1.04 -16.34 21.35
C CYS A 67 2.11 -16.44 20.25
N ALA A 68 3.08 -15.53 20.26
CA ALA A 68 4.17 -15.55 19.29
C ALA A 68 5.03 -16.82 19.40
N GLN A 69 5.22 -17.32 20.63
CA GLN A 69 5.95 -18.58 20.84
C GLN A 69 5.18 -19.77 20.30
N ASN A 70 3.86 -19.73 20.42
CA ASN A 70 3.01 -20.90 20.15
C ASN A 70 2.48 -21.01 18.73
N CYS A 71 2.56 -19.93 17.95
CA CYS A 71 1.81 -19.84 16.70
C CYS A 71 2.69 -19.66 15.49
N ALA A 72 2.34 -20.40 14.43
CA ALA A 72 3.12 -20.47 13.21
C ALA A 72 2.31 -20.03 12.01
N LEU A 73 2.92 -19.19 11.17
CA LEU A 73 2.37 -18.81 9.87
C LEU A 73 2.77 -19.85 8.85
N ASP A 74 1.84 -20.29 8.02
CA ASP A 74 2.15 -21.35 7.06
C ASP A 74 2.08 -20.88 5.61
N GLY A 75 2.44 -21.79 4.70
CA GLY A 75 2.53 -21.46 3.28
C GLY A 75 1.19 -21.14 2.66
N ALA A 76 1.24 -20.42 1.55
CA ALA A 76 0.03 -19.94 0.87
C ALA A 76 -0.11 -20.52 -0.53
N ASP A 77 -1.35 -20.87 -0.88
CA ASP A 77 -1.70 -21.21 -2.26
C ASP A 77 -2.08 -19.89 -2.92
N TYR A 78 -1.12 -19.29 -3.61
CA TYR A 78 -1.25 -17.93 -4.12
C TYR A 78 -2.43 -17.77 -5.05
N GLU A 79 -2.53 -18.63 -6.07
CA GLU A 79 -3.64 -18.55 -7.02
C GLU A 79 -4.94 -19.10 -6.44
N GLY A 80 -4.87 -20.30 -5.85
CA GLY A 80 -6.06 -21.01 -5.42
C GLY A 80 -6.82 -20.38 -4.27
N THR A 81 -6.10 -19.83 -3.31
CA THR A 81 -6.73 -19.23 -2.13
C THR A 81 -6.88 -17.72 -2.26
N TYR A 82 -5.88 -17.07 -2.83
CA TYR A 82 -5.81 -15.60 -2.79
C TYR A 82 -6.01 -14.89 -4.13
N GLY A 83 -6.08 -15.63 -5.23
CA GLY A 83 -6.27 -15.03 -6.55
C GLY A 83 -5.10 -14.17 -7.00
N ILE A 84 -3.90 -14.59 -6.60
CA ILE A 84 -2.67 -13.89 -6.95
C ILE A 84 -1.93 -14.71 -8.00
N THR A 85 -1.71 -14.14 -9.18
N THR A 85 -1.68 -14.09 -9.16
CA THR A 85 -0.95 -14.84 -10.22
CA THR A 85 -1.01 -14.73 -10.29
C THR A 85 0.14 -13.96 -10.82
C THR A 85 0.17 -13.88 -10.73
N ALA A 86 1.36 -14.48 -10.80
CA ALA A 86 2.53 -13.80 -11.33
C ALA A 86 2.98 -14.53 -12.58
N SER A 87 3.18 -13.79 -13.66
CA SER A 87 3.64 -14.36 -14.93
C SER A 87 4.58 -13.36 -15.59
N GLY A 88 5.82 -13.77 -15.84
CA GLY A 88 6.81 -12.87 -16.42
C GLY A 88 7.00 -11.65 -15.55
N ASN A 89 6.71 -10.47 -16.11
CA ASN A 89 6.81 -9.21 -15.38
C ASN A 89 5.46 -8.68 -14.84
N SER A 90 4.42 -9.51 -14.90
N SER A 90 4.43 -9.54 -14.86
CA SER A 90 3.07 -9.08 -14.52
CA SER A 90 3.07 -9.14 -14.55
C SER A 90 2.57 -9.78 -13.26
C SER A 90 2.57 -9.79 -13.25
N LEU A 91 1.92 -8.99 -12.40
CA LEU A 91 1.31 -9.49 -11.15
C LEU A 91 -0.16 -9.10 -11.17
N ARG A 92 -1.03 -10.11 -11.18
CA ARG A 92 -2.47 -9.89 -11.11
C ARG A 92 -2.98 -10.24 -9.72
N LEU A 93 -3.77 -9.32 -9.16
CA LEU A 93 -4.45 -9.55 -7.88
C LEU A 93 -5.94 -9.49 -8.13
N ASN A 94 -6.66 -10.55 -7.76
CA ASN A 94 -8.11 -10.57 -7.83
C ASN A 94 -8.74 -10.12 -6.52
N PHE A 95 -9.87 -9.42 -6.62
CA PHE A 95 -10.55 -8.88 -5.45
C PHE A 95 -11.21 -9.98 -4.62
N VAL A 96 -11.95 -10.86 -5.27
CA VAL A 96 -12.66 -11.94 -4.59
C VAL A 96 -12.22 -13.28 -5.17
N THR A 97 -11.84 -14.20 -4.28
CA THR A 97 -11.54 -15.57 -4.67
C THR A 97 -12.44 -16.51 -3.90
N ASN A 98 -13.25 -17.27 -4.64
CA ASN A 98 -14.14 -18.26 -4.07
C ASN A 98 -13.45 -19.62 -4.10
N GLY A 99 -12.55 -19.82 -3.14
CA GLY A 99 -11.86 -21.08 -2.97
C GLY A 99 -12.67 -21.99 -2.07
N SER A 100 -12.00 -22.70 -1.17
CA SER A 100 -12.69 -23.47 -0.15
C SER A 100 -13.49 -22.53 0.76
N GLN A 101 -12.94 -21.33 0.99
CA GLN A 101 -13.68 -20.24 1.63
C GLN A 101 -13.46 -18.97 0.81
N LYS A 102 -14.21 -17.92 1.13
CA LYS A 102 -14.10 -16.66 0.39
C LYS A 102 -12.90 -15.86 0.90
N ASN A 103 -12.11 -15.34 -0.05
CA ASN A 103 -11.02 -14.41 0.29
C ASN A 103 -11.24 -13.08 -0.41
N VAL A 104 -11.08 -11.99 0.35
CA VAL A 104 -11.22 -10.65 -0.18
C VAL A 104 -9.87 -9.91 -0.14
N GLY A 105 -9.39 -9.52 -1.31
CA GLY A 105 -8.18 -8.72 -1.44
C GLY A 105 -6.90 -9.43 -1.07
N SER A 106 -5.80 -8.69 -1.18
CA SER A 106 -4.49 -9.20 -0.80
C SER A 106 -3.51 -8.05 -0.67
N ARG A 107 -2.43 -8.29 0.06
CA ARG A 107 -1.29 -7.37 0.12
C ARG A 107 -0.03 -8.22 -0.06
N THR A 108 0.84 -7.79 -0.96
CA THR A 108 2.06 -8.52 -1.28
C THR A 108 3.27 -7.59 -1.26
N TYR A 109 4.46 -8.18 -1.13
CA TYR A 109 5.73 -7.45 -1.12
C TYR A 109 6.69 -8.06 -2.11
N LEU A 110 7.54 -7.23 -2.72
CA LEU A 110 8.60 -7.70 -3.61
C LEU A 110 9.81 -8.18 -2.81
N MET A 111 10.35 -9.34 -3.15
N MET A 111 10.21 -9.40 -3.10
CA MET A 111 11.53 -9.92 -2.44
CA MET A 111 11.34 -10.03 -2.45
C MET A 111 12.84 -9.88 -3.24
C MET A 111 12.53 -10.07 -3.38
N LYS A 112 13.98 -9.77 -2.54
N LYS A 112 13.71 -9.93 -2.76
CA LYS A 112 15.29 -9.95 -3.17
CA LYS A 112 14.99 -10.09 -3.44
C LYS A 112 15.62 -11.45 -3.24
C LYS A 112 15.48 -11.53 -3.32
N ASP A 113 15.31 -12.15 -2.14
CA ASP A 113 15.52 -13.60 -2.02
C ASP A 113 14.48 -14.13 -1.04
N ASP A 114 14.55 -15.43 -0.74
N ASP A 114 14.49 -15.43 -0.73
CA ASP A 114 13.55 -16.12 0.07
CA ASP A 114 13.39 -16.01 0.01
C ASP A 114 13.29 -15.53 1.44
C ASP A 114 13.29 -15.58 1.49
N THR A 115 14.30 -14.87 2.01
CA THR A 115 14.22 -14.33 3.36
C THR A 115 14.46 -12.82 3.46
N HIS A 116 14.44 -12.11 2.34
CA HIS A 116 14.63 -10.65 2.36
C HIS A 116 13.77 -9.94 1.34
N TYR A 117 13.09 -8.89 1.80
CA TYR A 117 12.43 -7.96 0.90
C TYR A 117 13.49 -7.21 0.10
N GLN A 118 13.16 -6.89 -1.15
CA GLN A 118 13.94 -5.93 -1.91
C GLN A 118 13.76 -4.56 -1.26
N THR A 119 14.83 -3.77 -1.18
CA THR A 119 14.69 -2.38 -0.75
C THR A 119 15.09 -1.41 -1.84
N PHE A 120 14.48 -0.22 -1.79
CA PHE A 120 14.71 0.83 -2.78
C PHE A 120 15.04 2.16 -2.10
N ASN A 121 16.00 2.86 -2.68
CA ASN A 121 16.24 4.27 -2.39
C ASN A 121 16.11 5.01 -3.72
N LEU A 122 14.96 5.66 -3.90
CA LEU A 122 14.62 6.27 -5.18
C LEU A 122 15.09 7.72 -5.33
N LEU A 123 15.87 8.23 -4.37
CA LEU A 123 16.37 9.60 -4.47
C LEU A 123 17.17 9.76 -5.76
N ASN A 124 16.81 10.78 -6.54
CA ASN A 124 17.40 11.02 -7.86
C ASN A 124 17.18 9.86 -8.84
N GLN A 125 16.08 9.13 -8.65
CA GLN A 125 15.69 8.04 -9.53
C GLN A 125 14.23 8.16 -9.84
N GLU A 126 13.76 7.29 -10.73
CA GLU A 126 12.34 7.16 -11.00
C GLU A 126 11.93 5.69 -10.88
N PHE A 127 10.68 5.50 -10.48
CA PHE A 127 10.05 4.18 -10.41
C PHE A 127 8.92 4.21 -11.42
N THR A 128 8.87 3.20 -12.29
CA THR A 128 7.92 3.16 -13.38
C THR A 128 7.27 1.77 -13.45
N PHE A 129 5.99 1.75 -13.77
CA PHE A 129 5.27 0.47 -13.94
C PHE A 129 4.08 0.68 -14.86
N ASP A 130 3.60 -0.42 -15.43
CA ASP A 130 2.37 -0.42 -16.19
C ASP A 130 1.26 -0.94 -15.30
N VAL A 131 0.05 -0.43 -15.52
CA VAL A 131 -1.10 -0.89 -14.75
C VAL A 131 -2.35 -0.95 -15.62
N ASP A 132 -3.18 -1.94 -15.34
N ASP A 132 -3.18 -1.95 -15.35
CA ASP A 132 -4.51 -2.04 -15.92
CA ASP A 132 -4.51 -2.04 -15.92
C ASP A 132 -5.51 -1.94 -14.77
C ASP A 132 -5.49 -1.94 -14.76
N VAL A 133 -6.22 -0.82 -14.70
CA VAL A 133 -7.21 -0.57 -13.65
C VAL A 133 -8.64 -0.66 -14.19
N SER A 134 -8.78 -1.13 -15.43
CA SER A 134 -10.08 -1.15 -16.10
C SER A 134 -11.11 -1.98 -15.35
N GLY A 135 -10.65 -2.99 -14.63
CA GLY A 135 -11.52 -3.83 -13.81
C GLY A 135 -11.76 -3.36 -12.39
N LEU A 136 -11.39 -2.11 -12.08
CA LEU A 136 -11.57 -1.57 -10.72
C LEU A 136 -12.66 -0.48 -10.69
N PRO A 137 -13.86 -0.83 -10.20
CA PRO A 137 -14.93 0.17 -10.10
C PRO A 137 -14.85 0.98 -8.82
N CYS A 138 -15.84 1.84 -8.62
CA CYS A 138 -15.96 2.64 -7.39
C CYS A 138 -15.78 1.76 -6.17
N GLY A 139 -15.00 2.25 -5.21
CA GLY A 139 -14.81 1.56 -3.94
C GLY A 139 -13.59 0.65 -3.88
N LEU A 140 -12.96 0.39 -5.03
CA LEU A 140 -11.76 -0.44 -5.08
C LEU A 140 -10.52 0.43 -5.07
N ASN A 141 -9.42 -0.15 -4.59
CA ASN A 141 -8.12 0.51 -4.60
C ASN A 141 -7.04 -0.51 -4.89
N GLY A 142 -6.44 -0.41 -6.08
CA GLY A 142 -5.21 -1.10 -6.39
C GLY A 142 -4.09 -0.18 -5.97
N ALA A 143 -3.43 -0.52 -4.86
CA ALA A 143 -2.37 0.32 -4.32
C ALA A 143 -1.00 -0.28 -4.58
N LEU A 144 -0.11 0.53 -5.14
CA LEU A 144 1.29 0.21 -5.27
C LEU A 144 2.02 1.30 -4.51
N TYR A 145 2.78 0.91 -3.50
CA TYR A 145 3.37 1.88 -2.58
C TYR A 145 4.59 1.32 -1.88
N MET A 146 5.21 2.16 -1.05
CA MET A 146 6.43 1.81 -0.39
C MET A 146 6.41 2.19 1.08
N VAL A 147 6.95 1.31 1.91
CA VAL A 147 7.09 1.56 3.35
C VAL A 147 8.46 1.03 3.80
N PRO A 148 9.11 1.69 4.77
CA PRO A 148 10.42 1.23 5.23
C PRO A 148 10.36 0.06 6.22
N MET A 149 9.82 -1.06 5.76
CA MET A 149 9.82 -2.31 6.53
C MET A 149 11.25 -2.84 6.62
N ALA A 150 11.57 -3.50 7.72
CA ALA A 150 12.86 -4.18 7.87
C ALA A 150 13.02 -5.21 6.75
N ALA A 151 14.16 -5.19 6.06
CA ALA A 151 14.38 -6.08 4.91
C ALA A 151 14.24 -7.56 5.27
N ASP A 152 14.64 -7.92 6.48
CA ASP A 152 14.54 -9.31 6.94
C ASP A 152 13.21 -9.66 7.62
N GLY A 153 12.26 -8.72 7.59
CA GLY A 153 10.98 -8.92 8.27
C GLY A 153 11.04 -8.78 9.78
N GLY A 154 12.18 -8.32 10.31
CA GLY A 154 12.36 -8.07 11.74
C GLY A 154 13.07 -9.16 12.54
N VAL A 155 13.47 -10.25 11.88
CA VAL A 155 13.97 -11.41 12.62
CA VAL A 155 14.02 -11.43 12.54
C VAL A 155 15.26 -11.13 13.40
N SER A 156 16.12 -10.24 12.91
CA SER A 156 17.44 -10.01 13.54
C SER A 156 17.41 -9.65 15.04
N ASN A 157 16.39 -8.92 15.47
CA ASN A 157 16.29 -8.53 16.88
C ASN A 157 14.93 -8.86 17.51
N GLU A 158 14.26 -9.87 16.96
CA GLU A 158 12.95 -10.29 17.44
C GLU A 158 12.98 -11.82 17.61
N PRO A 159 13.39 -12.30 18.80
CA PRO A 159 13.60 -13.73 19.00
C PRO A 159 12.38 -14.62 18.74
N ASN A 160 11.17 -14.13 19.00
CA ASN A 160 9.96 -14.90 18.73
C ASN A 160 9.44 -14.78 17.29
N ASN A 161 10.17 -14.05 16.45
CA ASN A 161 9.84 -13.93 15.03
C ASN A 161 10.84 -14.75 14.21
N LYS A 162 10.45 -15.97 13.87
CA LYS A 162 11.22 -16.79 12.95
C LYS A 162 10.71 -16.67 11.51
N ALA A 163 9.43 -16.34 11.36
CA ALA A 163 8.79 -16.33 10.04
C ALA A 163 9.34 -15.23 9.12
N GLY A 164 9.47 -14.01 9.65
CA GLY A 164 10.13 -12.92 8.93
C GLY A 164 9.57 -12.59 7.56
N ALA A 165 10.44 -12.08 6.69
CA ALA A 165 10.05 -11.68 5.35
C ALA A 165 9.56 -12.86 4.52
N GLN A 166 10.10 -14.05 4.79
CA GLN A 166 9.66 -15.26 4.10
C GLN A 166 8.15 -15.44 4.18
N TYR A 167 7.52 -14.97 5.26
CA TYR A 167 6.08 -15.10 5.43
C TYR A 167 5.36 -13.75 5.49
N GLY A 168 5.98 -12.71 4.93
CA GLY A 168 5.35 -11.40 4.84
C GLY A 168 5.11 -10.73 6.18
N VAL A 169 6.01 -10.95 7.13
CA VAL A 169 5.96 -10.34 8.45
C VAL A 169 6.67 -8.99 8.41
N GLY A 170 6.19 -8.04 9.23
CA GLY A 170 6.88 -6.76 9.41
C GLY A 170 6.19 -5.52 8.91
N TYR A 171 4.96 -5.66 8.43
CA TYR A 171 4.24 -4.51 7.88
C TYR A 171 4.06 -3.38 8.89
N CYS A 172 4.17 -2.16 8.38
CA CYS A 172 3.89 -0.94 9.10
C CYS A 172 3.43 0.06 8.04
N ASP A 173 2.67 1.08 8.43
CA ASP A 173 2.40 2.20 7.52
C ASP A 173 2.02 3.46 8.30
N SER A 174 1.67 4.53 7.61
N SER A 174 1.68 4.53 7.62
CA SER A 174 1.41 5.82 8.26
CA SER A 174 1.41 5.82 8.27
C SER A 174 0.06 5.90 8.98
C SER A 174 0.06 5.90 8.98
N GLN A 175 -0.75 4.86 8.84
CA GLN A 175 -2.00 4.75 9.60
C GLN A 175 -1.78 4.06 10.95
N CYS A 176 -0.56 3.57 11.21
CA CYS A 176 -0.27 2.85 12.46
C CYS A 176 -1.29 1.74 12.72
N PRO A 177 -1.48 0.84 11.74
CA PRO A 177 -2.56 -0.15 11.81
C PRO A 177 -2.49 -1.05 13.03
N ARG A 178 -3.64 -1.18 13.70
CA ARG A 178 -3.79 -2.07 14.84
C ARG A 178 -4.47 -3.40 14.49
N ASP A 179 -4.79 -3.60 13.21
N ASP A 179 -4.79 -3.60 13.21
CA ASP A 179 -5.41 -4.84 12.75
CA ASP A 179 -5.41 -4.83 12.73
C ASP A 179 -4.39 -5.93 12.41
C ASP A 179 -4.40 -5.95 12.48
N LEU A 180 -3.11 -5.64 12.61
CA LEU A 180 -2.05 -6.62 12.36
C LEU A 180 -2.00 -7.64 13.50
N LYS A 181 -1.80 -8.90 13.15
CA LYS A 181 -1.73 -9.97 14.13
C LYS A 181 -0.38 -10.02 14.82
N PHE A 182 0.67 -9.65 14.10
CA PHE A 182 2.02 -9.61 14.63
C PHE A 182 2.69 -8.28 14.36
N ILE A 183 3.21 -7.68 15.41
CA ILE A 183 3.90 -6.40 15.34
C ILE A 183 5.20 -6.50 16.15
N ALA A 184 6.33 -6.26 15.49
CA ALA A 184 7.64 -6.20 16.13
C ALA A 184 7.97 -7.46 16.95
N GLY A 185 7.60 -8.62 16.41
CA GLY A 185 7.93 -9.91 17.04
C GLY A 185 7.05 -10.35 18.18
N SER A 186 5.88 -9.72 18.32
N SER A 186 5.87 -9.74 18.29
CA SER A 186 4.90 -10.11 19.33
CA SER A 186 4.90 -10.10 19.32
C SER A 186 3.54 -10.18 18.66
C SER A 186 3.52 -10.15 18.68
N ALA A 187 2.65 -11.01 19.21
CA ALA A 187 1.27 -11.06 18.72
C ALA A 187 0.50 -9.83 19.21
N ASN A 188 -0.71 -9.66 18.72
CA ASN A 188 -1.55 -8.51 19.05
C ASN A 188 -2.90 -8.94 19.62
N VAL A 189 -2.91 -10.10 20.30
CA VAL A 189 -4.13 -10.64 20.91
C VAL A 189 -4.63 -9.80 22.09
N GLN A 190 -3.71 -9.23 22.86
CA GLN A 190 -4.11 -8.40 24.00
C GLN A 190 -4.84 -7.16 23.52
N GLY A 191 -6.04 -6.95 24.08
CA GLY A 191 -6.89 -5.83 23.68
C GLY A 191 -7.66 -6.03 22.39
N TRP A 192 -7.59 -7.23 21.81
CA TRP A 192 -8.25 -7.47 20.52
C TRP A 192 -9.76 -7.41 20.66
N GLU A 193 -10.39 -6.71 19.73
CA GLU A 193 -11.83 -6.73 19.58
C GLU A 193 -12.16 -6.95 18.11
N PRO A 194 -13.12 -7.84 17.83
CA PRO A 194 -13.49 -8.08 16.44
C PRO A 194 -14.11 -6.84 15.82
N ALA A 195 -13.91 -6.65 14.52
CA ALA A 195 -14.47 -5.49 13.83
C ALA A 195 -16.00 -5.52 13.86
N SER A 196 -16.62 -4.34 13.84
CA SER A 196 -18.07 -4.24 13.87
C SER A 196 -18.70 -4.63 12.53
N ASN A 197 -17.94 -4.49 11.45
CA ASN A 197 -18.46 -4.73 10.10
C ASN A 197 -17.77 -5.87 9.35
N SER A 198 -16.45 -5.94 9.41
CA SER A 198 -15.69 -6.97 8.71
C SER A 198 -15.59 -8.26 9.50
N ALA A 199 -16.01 -9.37 8.90
CA ALA A 199 -15.94 -10.69 9.53
C ALA A 199 -14.50 -11.21 9.65
N ASN A 200 -13.57 -10.58 8.95
CA ASN A 200 -12.20 -11.07 8.86
C ASN A 200 -11.20 -10.32 9.71
N SER A 201 -11.62 -9.27 10.41
CA SER A 201 -10.67 -8.39 11.04
C SER A 201 -11.09 -7.93 12.43
N GLY A 202 -10.20 -7.16 13.04
CA GLY A 202 -10.42 -6.58 14.35
C GLY A 202 -9.29 -5.60 14.61
N LEU A 203 -9.19 -5.14 15.85
CA LEU A 203 -8.14 -4.23 16.25
C LEU A 203 -7.57 -4.67 17.58
N GLY A 204 -6.25 -4.79 17.65
CA GLY A 204 -5.56 -5.13 18.88
C GLY A 204 -5.10 -3.89 19.62
N GLY A 205 -4.45 -4.10 20.76
CA GLY A 205 -3.95 -2.99 21.57
C GLY A 205 -2.90 -2.15 20.88
N ASN A 206 -2.08 -2.77 20.02
CA ASN A 206 -0.96 -2.04 19.44
C ASN A 206 -1.02 -1.87 17.94
N GLY A 207 -0.35 -0.81 17.48
CA GLY A 207 -0.28 -0.48 16.07
C GLY A 207 1.15 -0.41 15.57
N SER A 208 1.30 -0.46 14.25
CA SER A 208 2.59 -0.57 13.61
C SER A 208 2.84 0.64 12.70
N CYS A 209 3.60 1.60 13.20
CA CYS A 209 3.82 2.89 12.53
C CYS A 209 5.08 2.94 11.70
N CYS A 210 5.01 3.59 10.54
CA CYS A 210 6.20 4.03 9.82
C CYS A 210 5.81 5.02 8.74
N ALA A 211 6.81 5.59 8.07
CA ALA A 211 6.57 6.47 6.93
C ALA A 211 5.99 5.65 5.77
N GLU A 212 5.44 6.35 4.78
CA GLU A 212 4.70 5.67 3.72
C GLU A 212 4.67 6.53 2.46
N LEU A 213 5.10 5.96 1.35
CA LEU A 213 5.06 6.63 0.06
C LEU A 213 4.01 5.95 -0.81
N ASP A 214 2.85 6.59 -0.94
CA ASP A 214 1.79 6.05 -1.78
C ASP A 214 2.00 6.50 -3.21
N ILE A 215 2.83 5.74 -3.93
CA ILE A 215 3.12 6.03 -5.32
C ILE A 215 1.82 6.00 -6.13
N TRP A 216 0.97 5.04 -5.81
CA TRP A 216 -0.21 4.78 -6.62
C TRP A 216 -1.35 4.21 -5.79
N GLU A 217 -2.43 4.98 -5.66
N GLU A 217 -2.43 4.97 -5.67
CA GLU A 217 -3.68 4.48 -5.12
CA GLU A 217 -3.68 4.46 -5.13
C GLU A 217 -4.73 4.86 -6.14
C GLU A 217 -4.75 4.85 -6.12
N ALA A 218 -5.39 3.86 -6.73
CA ALA A 218 -6.25 4.13 -7.87
C ALA A 218 -7.25 3.05 -8.20
N ASN A 219 -8.29 3.49 -8.88
CA ASN A 219 -9.19 2.59 -9.59
C ASN A 219 -9.44 3.21 -10.97
N SER A 220 -10.46 2.75 -11.68
CA SER A 220 -10.76 3.28 -13.02
C SER A 220 -11.31 4.71 -13.01
N ILE A 221 -11.69 5.22 -11.84
CA ILE A 221 -12.29 6.54 -11.71
C ILE A 221 -11.27 7.61 -11.34
N SER A 222 -10.51 7.38 -10.29
CA SER A 222 -9.56 8.37 -9.78
C SER A 222 -8.26 7.72 -9.30
N ALA A 223 -7.22 8.55 -9.23
CA ALA A 223 -5.90 8.11 -8.77
C ALA A 223 -5.32 9.19 -7.87
N ALA A 224 -4.52 8.76 -6.90
CA ALA A 224 -3.82 9.69 -6.02
C ALA A 224 -2.37 9.25 -5.79
N LEU A 225 -1.49 10.24 -5.74
CA LEU A 225 -0.08 10.08 -5.41
C LEU A 225 0.12 10.84 -4.09
N THR A 226 0.61 10.18 -3.05
CA THR A 226 0.63 10.75 -1.71
C THR A 226 1.79 10.28 -0.83
N PRO A 227 2.84 11.10 -0.69
CA PRO A 227 3.82 10.81 0.35
C PRO A 227 3.26 11.11 1.75
N HIS A 228 3.65 10.29 2.73
CA HIS A 228 3.29 10.48 4.14
C HIS A 228 4.56 10.49 4.98
N SER A 229 4.69 11.48 5.86
CA SER A 229 5.85 11.57 6.76
C SER A 229 5.64 10.83 8.08
N ALA A 230 6.72 10.73 8.86
CA ALA A 230 6.67 10.13 10.19
C ALA A 230 7.89 10.59 10.99
N ASP A 231 7.69 10.79 12.30
CA ASP A 231 8.77 11.22 13.18
C ASP A 231 9.95 10.27 13.09
N THR A 232 9.65 8.98 13.17
CA THR A 232 10.61 7.91 12.99
C THR A 232 10.16 7.15 11.76
N VAL A 233 11.02 7.07 10.75
CA VAL A 233 10.58 6.58 9.44
C VAL A 233 10.40 5.06 9.40
N THR A 234 11.14 4.34 10.23
CA THR A 234 11.05 2.89 10.31
C THR A 234 10.03 2.51 11.39
N GLN A 235 9.77 1.21 11.53
CA GLN A 235 8.73 0.73 12.42
C GLN A 235 8.86 1.22 13.85
N THR A 236 7.76 1.74 14.39
CA THR A 236 7.62 1.93 15.83
C THR A 236 6.27 1.36 16.25
N VAL A 237 6.18 0.95 17.51
CA VAL A 237 4.95 0.42 18.06
C VAL A 237 4.22 1.52 18.80
N CYS A 238 2.90 1.59 18.63
CA CYS A 238 2.05 2.53 19.36
C CYS A 238 0.94 1.75 20.06
N ASN A 239 0.26 2.39 21.00
N ASN A 239 0.25 2.43 20.97
CA ASN A 239 -0.84 1.73 21.72
CA ASN A 239 -0.82 1.85 21.78
C ASN A 239 -2.12 2.54 21.68
C ASN A 239 -2.14 2.59 21.61
N GLY A 240 -3.22 1.87 21.33
CA GLY A 240 -4.56 2.44 21.36
C GLY A 240 -4.78 3.67 20.50
N ASP A 241 -5.61 4.58 20.99
CA ASP A 241 -5.96 5.79 20.26
C ASP A 241 -4.77 6.74 20.05
N ASP A 242 -3.78 6.69 20.94
N ASP A 242 -3.78 6.68 20.94
CA ASP A 242 -2.56 7.47 20.79
CA ASP A 242 -2.56 7.45 20.80
C ASP A 242 -1.79 7.13 19.50
C ASP A 242 -1.78 7.11 19.51
N CYS A 243 -2.13 6.01 18.87
CA CYS A 243 -1.58 5.66 17.56
C CYS A 243 -1.89 6.72 16.50
N GLY A 244 -3.06 7.33 16.59
CA GLY A 244 -3.58 8.16 15.51
C GLY A 244 -3.96 7.28 14.33
N GLY A 245 -4.21 7.92 13.19
CA GLY A 245 -4.54 7.19 11.98
C GLY A 245 -6.02 6.81 11.89
N THR A 246 -6.33 6.05 10.83
CA THR A 246 -7.71 5.79 10.42
C THR A 246 -8.64 5.27 11.51
N TYR A 247 -8.20 4.26 12.26
CA TYR A 247 -9.08 3.65 13.27
C TYR A 247 -8.83 4.15 14.70
N SER A 248 -8.40 5.40 14.81
CA SER A 248 -8.26 6.09 16.10
C SER A 248 -9.41 7.09 16.25
N ASN A 249 -9.76 7.38 17.50
CA ASN A 249 -10.73 8.45 17.78
C ASN A 249 -10.09 9.84 17.83
N ASP A 250 -8.76 9.88 17.69
CA ASP A 250 -8.02 11.14 17.60
C ASP A 250 -6.97 10.97 16.48
N ARG A 251 -7.43 11.19 15.25
CA ARG A 251 -6.68 10.87 14.04
C ARG A 251 -5.26 11.47 13.99
N TYR A 252 -5.12 12.72 14.44
CA TYR A 252 -3.85 13.44 14.31
C TYR A 252 -2.99 13.46 15.58
N SER A 253 -3.32 12.61 16.55
CA SER A 253 -2.62 12.62 17.84
C SER A 253 -1.35 11.77 17.91
N GLY A 254 -1.00 11.10 16.81
CA GLY A 254 0.13 10.17 16.79
C GLY A 254 1.43 10.73 16.25
N THR A 255 2.35 9.83 15.92
CA THR A 255 3.70 10.19 15.50
C THR A 255 3.91 10.08 13.99
N THR A 256 2.84 9.76 13.26
CA THR A 256 2.90 9.71 11.81
C THR A 256 1.88 10.66 11.20
N ASP A 257 2.05 10.89 9.90
CA ASP A 257 1.17 11.72 9.10
C ASP A 257 0.16 10.81 8.37
N PRO A 258 -1.10 10.74 8.87
CA PRO A 258 -2.08 9.84 8.26
C PRO A 258 -2.73 10.36 6.99
N ASP A 259 -2.49 11.63 6.64
CA ASP A 259 -3.15 12.26 5.49
C ASP A 259 -2.25 12.41 4.28
N GLY A 260 -1.00 12.79 4.53
CA GLY A 260 -0.01 12.96 3.46
C GLY A 260 -0.19 14.24 2.69
N CYS A 261 0.64 14.42 1.67
CA CYS A 261 0.48 15.51 0.71
C CYS A 261 0.06 14.87 -0.61
N ASP A 262 -1.23 14.92 -0.90
CA ASP A 262 -1.80 14.18 -2.02
C ASP A 262 -1.92 15.01 -3.29
N PHE A 263 -1.74 14.33 -4.43
CA PHE A 263 -2.10 14.90 -5.74
C PHE A 263 -3.01 13.91 -6.46
N ASN A 264 -4.29 14.26 -6.49
CA ASN A 264 -5.33 13.57 -7.27
C ASN A 264 -5.80 14.61 -8.28
N SER A 265 -5.59 14.34 -9.58
N SER A 265 -5.59 14.34 -9.57
CA SER A 265 -5.88 15.30 -10.63
CA SER A 265 -5.88 15.30 -10.63
C SER A 265 -7.30 15.89 -10.55
C SER A 265 -7.29 15.88 -10.56
N TYR A 266 -8.25 15.02 -10.23
CA TYR A 266 -9.65 15.41 -10.10
C TYR A 266 -9.87 16.32 -8.89
N ARG A 267 -9.30 15.94 -7.75
CA ARG A 267 -9.38 16.76 -6.55
C ARG A 267 -8.70 18.12 -6.76
N GLN A 268 -7.64 18.14 -7.58
CA GLN A 268 -6.95 19.38 -7.91
C GLN A 268 -7.60 20.12 -9.10
N GLY A 269 -8.83 19.76 -9.45
CA GLY A 269 -9.68 20.59 -10.30
C GLY A 269 -9.82 20.16 -11.75
N ASP A 270 -9.04 19.17 -12.19
CA ASP A 270 -9.09 18.71 -13.56
C ASP A 270 -9.84 17.38 -13.66
N THR A 271 -11.09 17.44 -14.10
CA THR A 271 -11.97 16.27 -14.17
C THR A 271 -11.93 15.57 -15.54
N SER A 272 -11.17 16.11 -16.47
CA SER A 272 -11.07 15.57 -17.83
C SER A 272 -9.82 14.72 -18.06
N PHE A 273 -8.96 14.63 -17.03
CA PHE A 273 -7.62 14.09 -17.21
C PHE A 273 -7.49 12.58 -17.03
N TYR A 274 -8.03 12.06 -15.93
CA TYR A 274 -7.85 10.65 -15.57
C TYR A 274 -9.20 9.98 -15.38
N GLY A 275 -9.45 8.90 -16.13
CA GLY A 275 -10.68 8.14 -16.01
C GLY A 275 -11.08 7.50 -17.32
N PRO A 276 -12.31 6.96 -17.37
CA PRO A 276 -12.73 6.23 -18.56
C PRO A 276 -12.83 7.15 -19.78
N GLY A 277 -12.05 6.86 -20.82
CA GLY A 277 -12.05 7.66 -22.03
C GLY A 277 -11.40 9.03 -21.91
N LYS A 278 -10.68 9.26 -20.81
CA LYS A 278 -10.07 10.56 -20.57
C LYS A 278 -8.62 10.57 -21.08
N THR A 279 -7.89 11.66 -20.81
CA THR A 279 -6.54 11.83 -21.35
C THR A 279 -5.65 10.64 -21.00
N VAL A 280 -5.70 10.23 -19.74
CA VAL A 280 -5.17 8.94 -19.31
C VAL A 280 -6.42 8.04 -19.25
N ASP A 281 -6.53 7.14 -20.22
CA ASP A 281 -7.76 6.38 -20.45
C ASP A 281 -7.72 5.07 -19.68
N THR A 282 -8.52 4.99 -18.62
CA THR A 282 -8.50 3.84 -17.72
C THR A 282 -9.18 2.59 -18.29
N ASN A 283 -9.75 2.70 -19.49
CA ASN A 283 -10.22 1.52 -20.19
C ASN A 283 -9.09 0.60 -20.66
N SER A 284 -7.88 1.14 -20.78
N SER A 284 -7.87 1.13 -20.77
CA SER A 284 -6.72 0.38 -21.25
CA SER A 284 -6.73 0.35 -21.25
C SER A 284 -5.51 0.56 -20.35
C SER A 284 -5.51 0.56 -20.37
N LYS A 285 -4.54 -0.33 -20.51
CA LYS A 285 -3.28 -0.26 -19.76
C LYS A 285 -2.56 1.07 -20.05
N PHE A 286 -1.85 1.57 -19.03
CA PHE A 286 -0.98 2.73 -19.21
C PHE A 286 0.23 2.61 -18.30
N THR A 287 1.25 3.39 -18.62
CA THR A 287 2.47 3.45 -17.84
C THR A 287 2.41 4.62 -16.87
N VAL A 288 2.86 4.38 -15.63
CA VAL A 288 2.90 5.38 -14.58
C VAL A 288 4.36 5.60 -14.19
N VAL A 289 4.87 6.80 -14.45
CA VAL A 289 6.25 7.18 -14.11
C VAL A 289 6.22 8.13 -12.92
N THR A 290 7.04 7.84 -11.92
CA THR A 290 7.14 8.71 -10.74
C THR A 290 8.61 9.01 -10.45
N GLN A 291 8.95 10.30 -10.50
CA GLN A 291 10.34 10.76 -10.40
C GLN A 291 10.59 11.47 -9.09
N PHE A 292 11.75 11.19 -8.50
CA PHE A 292 12.08 11.70 -7.17
C PHE A 292 13.31 12.59 -7.25
N LEU A 293 13.05 13.89 -7.44
CA LEU A 293 14.11 14.86 -7.69
C LEU A 293 14.66 15.37 -6.38
N THR A 294 15.95 15.71 -6.38
CA THR A 294 16.64 16.16 -5.18
C THR A 294 17.23 17.55 -5.33
N ASP A 295 17.50 18.18 -4.19
CA ASP A 295 18.27 19.42 -4.15
C ASP A 295 19.77 19.10 -4.24
N SER A 296 20.61 20.13 -4.13
CA SER A 296 22.07 19.95 -4.21
C SER A 296 22.65 19.09 -3.08
N SER A 297 21.94 19.00 -1.96
CA SER A 297 22.36 18.18 -0.81
C SER A 297 21.91 16.71 -0.92
N GLY A 298 21.15 16.38 -1.96
CA GLY A 298 20.62 15.03 -2.14
C GLY A 298 19.33 14.75 -1.40
N ASN A 299 18.70 15.81 -0.88
CA ASN A 299 17.42 15.69 -0.18
C ASN A 299 16.28 15.83 -1.18
N LEU A 300 15.24 15.02 -1.03
CA LEU A 300 14.08 15.06 -1.91
C LEU A 300 13.46 16.46 -1.89
N ASN A 301 13.23 17.05 -3.07
CA ASN A 301 12.51 18.32 -3.13
C ASN A 301 11.33 18.37 -4.11
N GLU A 302 11.12 17.30 -4.88
CA GLU A 302 10.02 17.27 -5.84
C GLU A 302 9.70 15.86 -6.28
N ILE A 303 8.42 15.54 -6.37
CA ILE A 303 7.97 14.29 -6.98
C ILE A 303 7.18 14.66 -8.22
N LYS A 304 7.67 14.22 -9.38
CA LYS A 304 6.99 14.45 -10.66
CA LYS A 304 6.99 14.45 -10.66
C LYS A 304 6.32 13.16 -11.13
N ARG A 305 5.28 13.32 -11.93
CA ARG A 305 4.51 12.21 -12.47
C ARG A 305 4.34 12.39 -13.97
N PHE A 306 4.63 11.34 -14.73
CA PHE A 306 4.28 11.27 -16.14
C PHE A 306 3.50 9.99 -16.40
N TYR A 307 2.64 10.01 -17.41
CA TYR A 307 1.97 8.81 -17.90
C TYR A 307 2.42 8.55 -19.33
N VAL A 308 2.36 7.30 -19.75
CA VAL A 308 2.57 6.95 -21.15
C VAL A 308 1.45 6.02 -21.59
N GLN A 309 0.77 6.40 -22.66
CA GLN A 309 -0.29 5.57 -23.22
C GLN A 309 -0.38 5.82 -24.71
N ASN A 310 -0.56 4.74 -25.46
CA ASN A 310 -0.55 4.78 -26.93
C ASN A 310 0.73 5.43 -27.48
N GLY A 311 1.84 5.23 -26.78
CA GLY A 311 3.14 5.79 -27.18
C GLY A 311 3.34 7.27 -26.92
N VAL A 312 2.38 7.91 -26.25
CA VAL A 312 2.44 9.35 -25.99
C VAL A 312 2.80 9.60 -24.52
N VAL A 313 3.80 10.45 -24.30
CA VAL A 313 4.19 10.86 -22.96
C VAL A 313 3.26 11.99 -22.54
N ILE A 314 2.58 11.78 -21.42
CA ILE A 314 1.55 12.68 -20.93
C ILE A 314 2.02 13.28 -19.60
N PRO A 315 2.33 14.59 -19.59
CA PRO A 315 2.67 15.22 -18.31
C PRO A 315 1.49 15.17 -17.35
N ASN A 316 1.77 15.16 -16.05
CA ASN A 316 0.71 15.24 -15.07
C ASN A 316 -0.09 16.52 -15.28
N SER A 317 -1.39 16.47 -14.99
CA SER A 317 -2.24 17.63 -15.15
C SER A 317 -1.91 18.74 -14.16
N GLN A 318 -2.07 19.99 -14.58
CA GLN A 318 -1.90 21.13 -13.70
C GLN A 318 -3.04 21.15 -12.68
N SER A 319 -2.71 21.47 -11.43
CA SER A 319 -3.73 21.81 -10.45
C SER A 319 -4.35 23.12 -10.89
N THR A 320 -5.69 23.17 -10.95
CA THR A 320 -6.40 24.35 -11.42
C THR A 320 -7.07 25.12 -10.29
N ILE A 321 -6.91 24.65 -9.06
CA ILE A 321 -7.53 25.28 -7.90
C ILE A 321 -6.84 26.63 -7.67
N ALA A 322 -7.64 27.70 -7.55
CA ALA A 322 -7.07 29.01 -7.25
C ALA A 322 -6.27 28.93 -5.97
N GLY A 323 -4.99 29.32 -6.04
CA GLY A 323 -4.08 29.24 -4.91
C GLY A 323 -3.21 27.99 -4.87
N ILE A 324 -3.50 26.99 -5.70
CA ILE A 324 -2.72 25.76 -5.74
C ILE A 324 -2.34 25.45 -7.20
N SER A 325 -1.14 25.84 -7.60
CA SER A 325 -0.71 25.67 -8.99
C SER A 325 0.33 24.55 -9.13
N GLY A 326 0.71 24.28 -10.37
CA GLY A 326 1.73 23.29 -10.68
C GLY A 326 1.15 21.89 -10.85
N ASN A 327 1.99 20.96 -11.29
CA ASN A 327 1.56 19.59 -11.56
C ASN A 327 2.43 18.56 -10.86
N SER A 328 3.11 18.99 -9.79
CA SER A 328 4.01 18.10 -9.07
C SER A 328 3.89 18.32 -7.58
N ILE A 329 4.52 17.45 -6.81
CA ILE A 329 4.50 17.54 -5.37
C ILE A 329 5.81 18.19 -4.91
N THR A 330 5.68 19.38 -4.34
CA THR A 330 6.78 20.19 -3.84
C THR A 330 6.34 20.78 -2.51
N GLN A 331 7.26 21.37 -1.76
CA GLN A 331 6.87 22.02 -0.51
C GLN A 331 5.88 23.16 -0.77
N ASP A 332 6.12 23.94 -1.82
CA ASP A 332 5.22 25.02 -2.17
C ASP A 332 3.81 24.51 -2.43
N TYR A 333 3.69 23.43 -3.19
CA TYR A 333 2.40 22.81 -3.45
C TYR A 333 1.73 22.31 -2.17
N CYS A 334 2.48 21.58 -1.36
CA CYS A 334 1.92 20.99 -0.15
C CYS A 334 1.43 22.05 0.84
N THR A 335 2.22 23.11 1.02
CA THR A 335 1.83 24.21 1.89
C THR A 335 0.57 24.88 1.37
N ALA A 336 0.57 25.22 0.08
CA ALA A 336 -0.57 25.89 -0.54
C ALA A 336 -1.84 25.02 -0.49
N GLN A 337 -1.69 23.74 -0.80
CA GLN A 337 -2.85 22.86 -0.87
C GLN A 337 -3.53 22.69 0.48
N LYS A 338 -2.73 22.52 1.54
CA LYS A 338 -3.29 22.38 2.88
C LYS A 338 -3.93 23.68 3.36
N GLN A 339 -3.31 24.82 3.06
CA GLN A 339 -3.86 26.12 3.43
C GLN A 339 -5.18 26.39 2.71
N VAL A 340 -5.19 26.18 1.40
CA VAL A 340 -6.38 26.46 0.58
C VAL A 340 -7.53 25.49 0.88
N PHE A 341 -7.23 24.20 0.99
CA PHE A 341 -8.27 23.20 1.32
C PHE A 341 -8.70 23.24 2.78
N GLY A 342 -7.92 23.88 3.66
CA GLY A 342 -8.27 23.95 5.08
C GLY A 342 -8.06 22.63 5.79
N ASP A 343 -7.03 21.91 5.37
CA ASP A 343 -6.66 20.63 5.97
C ASP A 343 -5.42 20.80 6.83
N THR A 344 -5.36 20.05 7.91
CA THR A 344 -4.21 20.10 8.81
C THR A 344 -2.98 19.54 8.11
N ASN A 345 -1.89 20.31 8.13
CA ASN A 345 -0.68 19.90 7.42
C ASN A 345 0.16 18.95 8.29
N THR A 346 -0.35 17.75 8.49
CA THR A 346 0.35 16.73 9.25
C THR A 346 1.59 16.26 8.49
N TRP A 347 1.56 16.38 7.17
CA TRP A 347 2.71 16.13 6.32
C TRP A 347 3.92 16.94 6.78
N GLU A 348 3.74 18.25 6.90
N GLU A 348 3.74 18.25 6.89
CA GLU A 348 4.79 19.14 7.36
CA GLU A 348 4.80 19.13 7.40
C GLU A 348 5.11 18.89 8.85
C GLU A 348 5.12 18.89 8.87
N ASP A 349 4.08 18.62 9.66
CA ASP A 349 4.25 18.42 11.10
C ASP A 349 5.18 17.27 11.47
N HIS A 350 5.23 16.22 10.63
CA HIS A 350 6.08 15.07 10.91
C HIS A 350 7.33 14.99 10.02
N GLY A 351 7.68 16.11 9.38
CA GLY A 351 8.98 16.26 8.72
C GLY A 351 8.97 16.31 7.20
N GLY A 352 7.78 16.21 6.60
CA GLY A 352 7.62 16.37 5.16
C GLY A 352 8.70 15.75 4.30
N PHE A 353 9.32 16.56 3.45
CA PHE A 353 10.29 16.07 2.46
C PHE A 353 11.54 15.46 3.08
N GLN A 354 11.98 16.01 4.21
CA GLN A 354 13.15 15.45 4.90
C GLN A 354 12.83 14.07 5.47
N SER A 355 11.63 13.91 5.99
CA SER A 355 11.17 12.61 6.46
C SER A 355 11.18 11.57 5.35
N MET A 356 10.67 11.93 4.17
CA MET A 356 10.66 10.99 3.04
C MET A 356 12.07 10.70 2.53
N THR A 357 12.94 11.71 2.57
CA THR A 357 14.35 11.51 2.26
C THR A 357 14.94 10.44 3.19
N ASN A 358 14.67 10.59 4.48
CA ASN A 358 15.15 9.63 5.47
C ASN A 358 14.55 8.24 5.27
N ALA A 359 13.29 8.19 4.84
CA ALA A 359 12.65 6.90 4.53
C ALA A 359 13.39 6.17 3.40
N PHE A 360 13.70 6.89 2.33
CA PHE A 360 14.46 6.32 1.23
C PHE A 360 15.85 5.85 1.66
N LYS A 361 16.52 6.64 2.49
CA LYS A 361 17.86 6.27 2.97
C LYS A 361 17.84 5.02 3.85
N ALA A 362 16.74 4.81 4.59
CA ALA A 362 16.54 3.60 5.37
C ALA A 362 16.29 2.38 4.47
N GLY A 363 15.64 2.61 3.33
CA GLY A 363 15.34 1.54 2.38
C GLY A 363 13.86 1.24 2.42
N MET A 364 13.21 1.39 1.26
N MET A 364 13.18 1.39 1.29
CA MET A 364 11.76 1.19 1.10
CA MET A 364 11.74 1.16 1.25
C MET A 364 11.45 -0.20 0.55
C MET A 364 11.38 -0.13 0.52
N VAL A 365 10.42 -0.85 1.08
CA VAL A 365 9.94 -2.11 0.52
C VAL A 365 8.72 -1.81 -0.36
N LEU A 366 8.67 -2.44 -1.53
CA LEU A 366 7.56 -2.29 -2.47
C LEU A 366 6.37 -3.16 -2.09
N VAL A 367 5.21 -2.52 -1.96
CA VAL A 367 3.96 -3.19 -1.60
C VAL A 367 3.01 -3.09 -2.79
N MET A 368 2.37 -4.20 -3.12
CA MET A 368 1.33 -4.22 -4.16
C MET A 368 0.11 -4.88 -3.55
N SER A 369 -1.00 -4.15 -3.52
N SER A 369 -1.00 -4.14 -3.51
CA SER A 369 -2.20 -4.61 -2.83
CA SER A 369 -2.20 -4.62 -2.82
C SER A 369 -3.47 -4.30 -3.61
C SER A 369 -3.46 -4.28 -3.59
N LEU A 370 -4.56 -4.90 -3.17
CA LEU A 370 -5.89 -4.64 -3.72
C LEU A 370 -6.85 -4.77 -2.54
N TRP A 371 -7.63 -3.72 -2.30
CA TRP A 371 -8.46 -3.66 -1.11
C TRP A 371 -9.72 -2.83 -1.28
N ASP A 372 -10.69 -3.10 -0.41
CA ASP A 372 -11.82 -2.22 -0.19
C ASP A 372 -11.72 -1.63 1.21
N ASP A 373 -12.54 -0.62 1.48
CA ASP A 373 -12.33 0.28 2.60
C ASP A 373 -13.50 0.24 3.58
N TYR A 374 -13.31 -0.46 4.70
CA TYR A 374 -14.36 -0.59 5.72
C TYR A 374 -14.55 0.68 6.57
N TYR A 375 -13.63 1.64 6.46
CA TYR A 375 -13.74 2.90 7.19
C TYR A 375 -14.53 3.96 6.43
N ALA A 376 -14.15 4.21 5.17
CA ALA A 376 -14.72 5.31 4.39
C ALA A 376 -15.11 4.96 2.95
N ASP A 377 -15.24 3.68 2.64
CA ASP A 377 -15.77 3.21 1.35
C ASP A 377 -14.99 3.76 0.14
N MET A 378 -13.74 4.16 0.36
CA MET A 378 -12.86 4.70 -0.66
C MET A 378 -13.34 6.03 -1.21
N LEU A 379 -14.24 6.70 -0.46
CA LEU A 379 -14.86 7.92 -0.94
C LEU A 379 -13.84 9.07 -0.98
N TRP A 380 -12.86 9.01 -0.09
CA TRP A 380 -11.74 9.96 -0.10
C TRP A 380 -10.98 9.95 -1.43
N LEU A 381 -11.00 8.81 -2.13
CA LEU A 381 -10.33 8.68 -3.42
C LEU A 381 -11.21 9.05 -4.61
N ASP A 382 -12.49 8.66 -4.59
CA ASP A 382 -13.29 8.69 -5.81
C ASP A 382 -14.69 9.30 -5.73
N SER A 383 -15.06 9.86 -4.58
CA SER A 383 -16.42 10.39 -4.39
C SER A 383 -16.62 11.79 -4.95
N VAL A 384 -17.84 12.06 -5.41
CA VAL A 384 -18.26 13.42 -5.75
C VAL A 384 -18.12 14.36 -4.56
N ALA A 385 -18.16 13.81 -3.36
CA ALA A 385 -17.95 14.60 -2.15
C ALA A 385 -17.41 13.75 -1.00
N TYR A 386 -16.29 14.19 -0.44
CA TYR A 386 -15.80 13.64 0.83
C TYR A 386 -15.30 14.80 1.70
N PRO A 387 -15.78 14.92 2.93
CA PRO A 387 -16.85 14.09 3.51
C PRO A 387 -18.15 14.17 2.71
N THR A 388 -19.02 13.17 2.88
CA THR A 388 -20.21 13.05 2.05
C THR A 388 -21.24 14.18 2.25
N ASP A 389 -21.19 14.84 3.41
CA ASP A 389 -22.09 15.96 3.69
C ASP A 389 -21.47 17.33 3.42
N ALA A 390 -20.25 17.35 2.90
CA ALA A 390 -19.55 18.59 2.61
C ALA A 390 -20.04 19.19 1.30
N ASP A 391 -19.83 20.49 1.14
CA ASP A 391 -20.28 21.22 -0.05
C ASP A 391 -19.34 20.95 -1.23
N PRO A 392 -19.86 20.37 -2.34
CA PRO A 392 -19.01 20.15 -3.52
C PRO A 392 -18.41 21.43 -4.13
N SER A 393 -19.01 22.58 -3.85
CA SER A 393 -18.43 23.88 -4.23
C SER A 393 -17.12 24.20 -3.51
N THR A 394 -16.93 23.65 -2.32
CA THR A 394 -15.73 23.90 -1.54
C THR A 394 -14.55 23.16 -2.15
N PRO A 395 -13.45 23.87 -2.50
CA PRO A 395 -12.30 23.21 -3.10
C PRO A 395 -11.78 22.07 -2.22
N GLY A 396 -11.44 20.93 -2.84
CA GLY A 396 -10.92 19.77 -2.13
C GLY A 396 -11.95 18.72 -1.77
N VAL A 397 -13.23 19.06 -1.85
CA VAL A 397 -14.30 18.12 -1.47
C VAL A 397 -14.52 17.02 -2.53
N ALA A 398 -14.56 17.40 -3.80
CA ALA A 398 -14.76 16.44 -4.88
C ALA A 398 -13.46 15.72 -5.24
N ARG A 399 -13.50 14.39 -5.32
CA ARG A 399 -12.32 13.59 -5.68
C ARG A 399 -12.53 12.65 -6.88
N GLY A 400 -13.78 12.42 -7.26
CA GLY A 400 -14.09 11.60 -8.42
C GLY A 400 -15.57 11.66 -8.73
N THR A 401 -16.04 10.72 -9.55
CA THR A 401 -17.41 10.71 -10.05
C THR A 401 -18.34 9.77 -9.28
N CYS A 402 -17.80 9.01 -8.33
CA CYS A 402 -18.59 8.00 -7.63
C CYS A 402 -19.56 8.64 -6.65
N SER A 403 -20.72 8.00 -6.49
CA SER A 403 -21.75 8.52 -5.60
C SER A 403 -21.32 8.42 -4.14
N THR A 404 -21.94 9.20 -3.28
CA THR A 404 -21.63 9.17 -1.85
C THR A 404 -22.06 7.86 -1.19
N THR A 405 -22.90 7.08 -1.87
CA THR A 405 -23.37 5.79 -1.36
C THR A 405 -22.57 4.60 -1.93
N SER A 406 -21.56 4.88 -2.74
CA SER A 406 -20.78 3.84 -3.41
C SER A 406 -19.74 3.22 -2.48
N GLY A 407 -19.22 2.07 -2.88
CA GLY A 407 -18.06 1.45 -2.25
C GLY A 407 -18.24 0.79 -0.91
N VAL A 408 -19.49 0.54 -0.50
CA VAL A 408 -19.73 -0.16 0.76
C VAL A 408 -19.28 -1.62 0.59
N PRO A 409 -18.34 -2.10 1.42
CA PRO A 409 -17.82 -3.46 1.24
C PRO A 409 -18.89 -4.55 1.09
N SER A 410 -19.91 -4.56 1.94
CA SER A 410 -20.94 -5.59 1.86
C SER A 410 -21.69 -5.56 0.52
N ASP A 411 -21.77 -4.39 -0.10
CA ASP A 411 -22.30 -4.27 -1.45
C ASP A 411 -21.30 -4.74 -2.51
N ILE A 412 -20.13 -4.11 -2.53
CA ILE A 412 -19.18 -4.33 -3.65
C ILE A 412 -18.45 -5.67 -3.62
N GLU A 413 -18.37 -6.31 -2.45
CA GLU A 413 -17.81 -7.67 -2.39
C GLU A 413 -18.69 -8.69 -3.13
N SER A 414 -19.95 -8.33 -3.38
N SER A 414 -19.94 -8.32 -3.39
CA SER A 414 -20.80 -9.08 -4.30
CA SER A 414 -20.81 -9.08 -4.28
C SER A 414 -20.78 -8.48 -5.70
C SER A 414 -20.79 -8.49 -5.69
N SER A 415 -21.16 -7.22 -5.81
CA SER A 415 -21.31 -6.57 -7.13
C SER A 415 -20.02 -6.39 -7.93
N ALA A 416 -18.90 -6.24 -7.22
CA ALA A 416 -17.59 -6.10 -7.87
C ALA A 416 -16.71 -7.33 -7.68
N ALA A 417 -17.33 -8.50 -7.51
CA ALA A 417 -16.57 -9.74 -7.27
C ALA A 417 -15.64 -10.14 -8.41
N SER A 418 -15.83 -9.57 -9.61
CA SER A 418 -14.95 -9.86 -10.74
CA SER A 418 -14.96 -9.84 -10.75
C SER A 418 -13.75 -8.91 -10.79
N ALA A 419 -13.71 -7.92 -9.90
CA ALA A 419 -12.67 -6.90 -9.94
C ALA A 419 -11.25 -7.47 -9.76
N TYR A 420 -10.30 -6.81 -10.39
CA TYR A 420 -8.90 -7.22 -10.34
C TYR A 420 -8.02 -6.05 -10.78
N VAL A 421 -6.73 -6.15 -10.48
CA VAL A 421 -5.74 -5.19 -10.96
C VAL A 421 -4.54 -5.98 -11.49
N ILE A 422 -3.87 -5.43 -12.50
CA ILE A 422 -2.61 -6.02 -13.00
C ILE A 422 -1.53 -4.95 -12.99
N TYR A 423 -0.50 -5.17 -12.19
CA TYR A 423 0.73 -4.37 -12.22
C TYR A 423 1.74 -5.11 -13.07
N SER A 424 2.46 -4.41 -13.93
CA SER A 424 3.44 -5.07 -14.79
C SER A 424 4.59 -4.18 -15.21
N ASN A 425 5.66 -4.82 -15.67
CA ASN A 425 6.78 -4.14 -16.30
C ASN A 425 7.36 -3.04 -15.43
N ILE A 426 7.69 -3.40 -14.19
CA ILE A 426 8.33 -2.49 -13.24
C ILE A 426 9.74 -2.17 -13.72
N LYS A 427 10.09 -0.90 -13.72
CA LYS A 427 11.41 -0.43 -14.13
C LYS A 427 11.87 0.67 -13.17
N VAL A 428 13.14 0.60 -12.78
CA VAL A 428 13.73 1.57 -11.86
C VAL A 428 15.09 2.01 -12.40
N GLY A 429 15.38 3.29 -12.30
CA GLY A 429 16.68 3.81 -12.74
C GLY A 429 16.77 5.31 -12.63
N PRO A 430 17.84 5.90 -13.17
CA PRO A 430 17.96 7.35 -13.21
C PRO A 430 16.80 8.02 -13.91
N ILE A 431 16.63 9.31 -13.64
N ILE A 431 16.61 9.30 -13.63
CA ILE A 431 15.57 10.11 -14.25
CA ILE A 431 15.50 10.04 -14.21
C ILE A 431 15.59 9.99 -15.78
C ILE A 431 15.57 10.03 -15.74
N ASN A 432 14.41 9.74 -16.35
CA ASN A 432 14.25 9.55 -17.81
C ASN A 432 14.89 8.30 -18.44
N SER A 433 15.29 7.34 -17.60
CA SER A 433 15.92 6.10 -18.11
C SER A 433 14.93 4.95 -18.34
N THR A 434 13.71 5.06 -17.82
CA THR A 434 12.78 3.93 -17.79
C THR A 434 11.62 4.02 -18.79
N PHE A 435 11.54 5.11 -19.54
CA PHE A 435 10.44 5.30 -20.46
C PHE A 435 10.81 6.15 -21.66
N SER A 436 9.97 6.08 -22.68
CA SER A 436 10.11 6.88 -23.88
C SER A 436 8.75 7.06 -24.54
N GLY A 437 8.69 7.94 -25.52
CA GLY A 437 7.46 8.21 -26.26
C GLY A 437 7.49 9.62 -26.82
N THR A 438 6.50 9.95 -27.64
CA THR A 438 6.40 11.28 -28.24
C THR A 438 5.76 12.26 -27.26
#